data_6WTP
#
_entry.id   6WTP
#
_cell.length_a   80.517
_cell.length_b   80.517
_cell.length_c   85.165
_cell.angle_alpha   90.000
_cell.angle_beta   90.000
_cell.angle_gamma   120.000
#
_symmetry.space_group_name_H-M   'P 31 2 1'
#
loop_
_entity.id
_entity.type
_entity.pdbx_description
1 polymer 'Tyrosine-protein kinase JAK2'
2 non-polymer 'tert-butyl 4-[(4-{1-[3-(cyanomethyl)-1-(ethylsulfonyl)azetidin-3-yl]-1H-pyrazol-4-yl}-7H-pyrrolo[2,3-d]pyrimidin-2-yl)amino]benzoate'
3 non-polymer GLYCEROL
4 water water
#
_entity_poly.entity_id   1
_entity_poly.type   'polypeptide(L)'
_entity_poly.pdbx_seq_one_letter_code
;MAFEDRDPTQFEERHLKFLQQLGKGNFGSVEMCRYDPLQDNTGEVVAVKKLQHSTEEHLRDFEREIEILKSLQHDNIVKY
KGVCYSAGRRNLKLIMEYLPYGSLRDYLQKHKERIDHIKLLQYTSQICKGMEYLGTKRYIHRDLATRNILVENENRVKIG
DFGLTKVLPQDKE(PTR)(PTR)KVKEPGESPIFWYAPESLTESKFSVASDVWSFGVVLYELFTYIEKSKSPPAEFMRMI
GNDKQGQMIVFHLIELLKNNGRLPRPDGCPDEIYMIMTECWNNNVNQRPSFRDLALRVDQIRDNMAGGSGSENLYFQ
;
_entity_poly.pdbx_strand_id   A
#
loop_
_chem_comp.id
_chem_comp.type
_chem_comp.name
_chem_comp.formula
GOL non-polymer GLYCEROL 'C3 H8 O3'
U8P non-polymer 'tert-butyl 4-[(4-{1-[3-(cyanomethyl)-1-(ethylsulfonyl)azetidin-3-yl]-1H-pyrazol-4-yl}-7H-pyrrolo[2,3-d]pyrimidin-2-yl)amino]benzoate' 'C27 H30 N8 O4 S'
#
# COMPACT_ATOMS: atom_id res chain seq x y z
N PHE A 11 6.20 -21.71 -15.90
CA PHE A 11 6.97 -21.93 -14.69
C PHE A 11 6.75 -23.32 -14.13
N GLU A 12 7.84 -23.99 -13.78
CA GLU A 12 7.83 -25.43 -13.54
C GLU A 12 7.49 -25.74 -12.08
N GLU A 13 6.59 -26.69 -11.87
CA GLU A 13 6.20 -27.09 -10.52
C GLU A 13 7.41 -27.52 -9.70
N LEU A 16 10.07 -25.89 -8.03
CA LEU A 16 9.62 -25.07 -6.91
C LEU A 16 9.73 -25.82 -5.59
N LYS A 17 10.48 -25.26 -4.65
CA LYS A 17 10.68 -25.85 -3.33
C LYS A 17 10.32 -24.81 -2.30
N PHE A 18 9.23 -25.03 -1.57
CA PHE A 18 8.74 -24.08 -0.57
C PHE A 18 9.76 -23.89 0.55
N LEU A 19 10.60 -22.86 0.43
CA LEU A 19 11.62 -22.59 1.44
C LEU A 19 10.99 -22.13 2.74
N GLN A 20 10.40 -20.94 2.75
CA GLN A 20 9.76 -20.41 3.94
C GLN A 20 8.63 -19.48 3.53
N GLN A 21 7.68 -19.32 4.43
CA GLN A 21 6.54 -18.43 4.20
C GLN A 21 6.92 -17.00 4.53
N LEU A 22 6.59 -16.07 3.64
CA LEU A 22 6.89 -14.66 3.82
C LEU A 22 5.70 -13.87 4.35
N GLY A 23 4.50 -14.12 3.82
CA GLY A 23 3.31 -13.45 4.29
C GLY A 23 2.09 -14.35 4.27
N LYS A 24 1.31 -14.33 5.35
CA LYS A 24 0.13 -15.17 5.49
C LYS A 24 -1.08 -14.30 5.75
N GLY A 25 -2.13 -14.51 4.96
CA GLY A 25 -3.37 -13.77 5.13
C GLY A 25 -4.56 -14.68 5.28
N ASN A 26 -5.77 -14.10 5.31
CA ASN A 26 -6.98 -14.91 5.45
C ASN A 26 -7.23 -15.73 4.20
N PHE A 27 -7.25 -15.08 3.04
CA PHE A 27 -7.47 -15.75 1.76
C PHE A 27 -6.21 -15.85 0.92
N GLY A 28 -5.09 -15.26 1.36
CA GLY A 28 -3.87 -15.26 0.60
C GLY A 28 -2.69 -15.77 1.42
N SER A 29 -1.61 -16.09 0.71
CA SER A 29 -0.41 -16.61 1.33
C SER A 29 0.76 -16.43 0.37
N VAL A 30 1.84 -15.83 0.85
CA VAL A 30 3.04 -15.60 0.04
C VAL A 30 4.19 -16.36 0.68
N GLU A 31 4.79 -17.26 -0.10
CA GLU A 31 5.93 -18.05 0.35
C GLU A 31 7.11 -17.82 -0.58
N MET A 32 8.30 -18.06 -0.05
CA MET A 32 9.54 -17.96 -0.83
C MET A 32 9.93 -19.34 -1.33
N CYS A 33 10.15 -19.46 -2.63
CA CYS A 33 10.44 -20.74 -3.26
C CYS A 33 11.69 -20.62 -4.12
N ARG A 34 12.18 -21.78 -4.58
CA ARG A 34 13.33 -21.85 -5.45
C ARG A 34 12.94 -22.61 -6.72
N TYR A 35 13.21 -22.01 -7.88
CA TYR A 35 12.83 -22.64 -9.14
C TYR A 35 13.62 -23.93 -9.36
N ASP A 36 14.94 -23.85 -9.30
CA ASP A 36 15.82 -24.97 -9.59
C ASP A 36 15.45 -25.69 -10.89
N PRO A 37 15.46 -24.98 -12.04
CA PRO A 37 15.05 -25.60 -13.30
C PRO A 37 15.93 -26.79 -13.68
N LEU A 38 17.22 -26.53 -13.91
CA LEU A 38 18.17 -27.59 -14.22
C LEU A 38 18.49 -28.49 -13.03
N GLN A 39 17.73 -28.37 -11.93
CA GLN A 39 18.01 -29.09 -10.69
C GLN A 39 19.49 -28.95 -10.31
N ASP A 40 19.99 -27.72 -10.45
CA ASP A 40 21.36 -27.41 -10.09
C ASP A 40 21.37 -26.66 -8.76
N ASN A 41 20.18 -26.39 -8.22
CA ASN A 41 20.06 -25.70 -6.94
C ASN A 41 20.65 -24.30 -7.03
N THR A 42 20.69 -23.74 -8.25
CA THR A 42 21.23 -22.41 -8.49
C THR A 42 20.23 -21.48 -9.15
N GLY A 43 19.02 -21.97 -9.48
CA GLY A 43 18.02 -21.08 -10.04
C GLY A 43 17.59 -20.02 -9.05
N GLU A 44 17.30 -18.83 -9.57
CA GLU A 44 16.97 -17.69 -8.72
C GLU A 44 15.73 -17.98 -7.89
N VAL A 45 15.73 -17.47 -6.66
CA VAL A 45 14.61 -17.67 -5.74
C VAL A 45 13.54 -16.62 -6.03
N VAL A 46 12.28 -17.06 -6.05
CA VAL A 46 11.15 -16.20 -6.38
C VAL A 46 10.17 -16.22 -5.22
N ALA A 47 9.16 -15.36 -5.33
CA ALA A 47 8.09 -15.25 -4.34
C ALA A 47 6.80 -15.79 -4.95
N VAL A 48 6.19 -16.76 -4.28
CA VAL A 48 5.00 -17.44 -4.77
C VAL A 48 3.82 -17.08 -3.88
N LYS A 49 2.74 -16.61 -4.48
CA LYS A 49 1.52 -16.27 -3.76
C LYS A 49 0.40 -17.19 -4.21
N LYS A 50 -0.18 -17.92 -3.26
CA LYS A 50 -1.30 -18.81 -3.51
C LYS A 50 -2.47 -18.44 -2.62
N LEU A 51 -3.65 -18.88 -3.01
CA LEU A 51 -4.87 -18.61 -2.24
C LEU A 51 -5.02 -19.62 -1.10
N GLN A 52 -5.62 -19.16 -0.01
CA GLN A 52 -5.85 -20.03 1.14
C GLN A 52 -7.06 -20.94 0.90
N HIS A 53 -8.24 -20.35 0.78
CA HIS A 53 -9.45 -21.07 0.44
C HIS A 53 -9.68 -20.92 -1.06
N SER A 54 -9.05 -21.79 -1.84
CA SER A 54 -9.16 -21.75 -3.29
C SER A 54 -10.56 -22.12 -3.74
N THR A 55 -11.47 -21.15 -3.77
CA THR A 55 -12.86 -21.40 -4.10
C THR A 55 -13.08 -21.28 -5.60
N GLU A 56 -14.32 -21.01 -6.00
CA GLU A 56 -14.64 -20.57 -7.35
C GLU A 56 -14.69 -19.06 -7.46
N GLU A 57 -15.16 -18.38 -6.41
CA GLU A 57 -15.22 -16.92 -6.41
C GLU A 57 -13.82 -16.33 -6.29
N HIS A 58 -13.02 -16.85 -5.36
CA HIS A 58 -11.66 -16.33 -5.19
C HIS A 58 -10.79 -16.63 -6.39
N LEU A 59 -10.94 -17.83 -6.98
CA LEU A 59 -10.15 -18.19 -8.16
C LEU A 59 -10.39 -17.20 -9.29
N ARG A 60 -11.63 -16.75 -9.47
CA ARG A 60 -11.93 -15.74 -10.48
C ARG A 60 -11.26 -14.42 -10.14
N ASP A 61 -11.39 -13.98 -8.89
CA ASP A 61 -10.74 -12.74 -8.46
C ASP A 61 -9.22 -12.87 -8.55
N PHE A 62 -8.69 -14.00 -8.09
CA PHE A 62 -7.24 -14.21 -8.15
C PHE A 62 -6.74 -14.27 -9.59
N GLU A 63 -7.60 -14.67 -10.52
CA GLU A 63 -7.20 -14.72 -11.93
C GLU A 63 -7.03 -13.32 -12.49
N ARG A 64 -7.93 -12.39 -12.16
CA ARG A 64 -7.80 -11.03 -12.63
C ARG A 64 -6.50 -10.45 -12.07
N GLU A 65 -6.26 -10.65 -10.77
CA GLU A 65 -5.09 -10.06 -10.13
C GLU A 65 -3.80 -10.42 -10.86
N ILE A 66 -3.69 -11.68 -11.33
CA ILE A 66 -2.52 -12.10 -12.08
C ILE A 66 -2.44 -11.33 -13.39
N GLU A 67 -3.58 -11.10 -14.03
CA GLU A 67 -3.60 -10.33 -15.28
C GLU A 67 -3.23 -8.88 -15.05
N ILE A 68 -3.59 -8.32 -13.89
CA ILE A 68 -3.26 -6.93 -13.62
C ILE A 68 -1.76 -6.77 -13.34
N LEU A 69 -1.17 -7.71 -12.61
CA LEU A 69 0.24 -7.61 -12.27
C LEU A 69 1.13 -7.81 -13.49
N LYS A 70 0.79 -8.76 -14.35
CA LYS A 70 1.56 -8.98 -15.57
C LYS A 70 1.44 -7.82 -16.54
N SER A 71 0.42 -6.99 -16.40
CA SER A 71 0.24 -5.82 -17.24
C SER A 71 0.94 -4.58 -16.72
N LEU A 72 1.58 -4.67 -15.56
CA LEU A 72 2.25 -3.53 -14.93
C LEU A 72 3.76 -3.71 -14.99
N GLN A 73 4.45 -2.71 -15.51
CA GLN A 73 5.90 -2.70 -15.58
C GLN A 73 6.39 -1.34 -15.10
N HIS A 74 6.99 -1.31 -13.92
CA HIS A 74 7.44 -0.05 -13.32
C HIS A 74 8.56 -0.35 -12.33
N ASP A 75 9.42 0.64 -12.11
CA ASP A 75 10.54 0.46 -11.20
C ASP A 75 10.09 0.25 -9.76
N ASN A 76 8.94 0.80 -9.39
CA ASN A 76 8.43 0.72 -8.03
C ASN A 76 7.22 -0.19 -7.92
N ILE A 77 7.15 -1.21 -8.77
CA ILE A 77 6.11 -2.22 -8.75
C ILE A 77 6.76 -3.58 -8.91
N VAL A 78 6.38 -4.54 -8.06
CA VAL A 78 7.02 -5.85 -8.08
C VAL A 78 6.82 -6.50 -9.44
N LYS A 79 7.92 -6.98 -10.01
CA LYS A 79 7.89 -7.56 -11.35
C LYS A 79 7.28 -8.96 -11.31
N TYR A 80 6.20 -9.15 -12.05
CA TYR A 80 5.60 -10.47 -12.15
C TYR A 80 6.51 -11.41 -12.94
N LYS A 81 6.38 -12.72 -12.54
CA LYS A 81 7.27 -13.72 -13.13
C LYS A 81 6.49 -14.73 -13.96
N GLY A 82 5.45 -15.32 -13.37
CA GLY A 82 4.49 -16.08 -14.12
C GLY A 82 3.64 -16.99 -13.24
N VAL A 83 3.04 -18.00 -13.85
CA VAL A 83 2.03 -18.81 -13.16
C VAL A 83 2.48 -20.27 -13.03
N CYS A 84 1.79 -21.01 -12.16
CA CYS A 84 2.14 -22.40 -11.90
C CYS A 84 0.92 -23.18 -11.40
N ASN A 91 -5.88 -25.08 -8.51
CA ASN A 91 -5.19 -24.05 -7.75
C ASN A 91 -4.01 -23.49 -8.54
N LEU A 92 -4.05 -22.19 -8.83
CA LEU A 92 -2.96 -21.51 -9.51
C LEU A 92 -2.03 -20.87 -8.49
N LYS A 93 -0.81 -20.55 -8.96
CA LYS A 93 0.19 -19.91 -8.13
C LYS A 93 0.75 -18.70 -8.85
N LEU A 94 0.95 -17.61 -8.13
CA LEU A 94 1.47 -16.38 -8.69
C LEU A 94 2.93 -16.22 -8.30
N ILE A 95 3.82 -16.25 -9.28
CA ILE A 95 5.26 -16.18 -9.05
C ILE A 95 5.73 -14.75 -9.33
N MET A 96 6.43 -14.16 -8.37
CA MET A 96 6.87 -12.77 -8.46
C MET A 96 8.35 -12.66 -8.12
N GLU A 97 8.84 -11.44 -8.22
CA GLU A 97 10.19 -11.09 -7.80
C GLU A 97 10.30 -11.19 -6.28
N TYR A 98 11.41 -11.75 -5.80
CA TYR A 98 11.66 -11.84 -4.37
C TYR A 98 12.46 -10.62 -3.92
N LEU A 99 12.00 -9.99 -2.84
CA LEU A 99 12.63 -8.79 -2.31
C LEU A 99 13.19 -9.10 -0.93
N PRO A 100 14.51 -9.02 -0.73
CA PRO A 100 15.09 -9.60 0.49
C PRO A 100 14.74 -8.85 1.77
N TYR A 101 14.46 -7.55 1.70
CA TYR A 101 14.23 -6.76 2.90
C TYR A 101 12.79 -6.79 3.37
N GLY A 102 11.89 -7.42 2.61
CA GLY A 102 10.54 -7.63 3.08
C GLY A 102 9.71 -6.35 3.07
N SER A 103 8.75 -6.30 4.00
CA SER A 103 7.83 -5.17 4.04
C SER A 103 8.52 -3.92 4.55
N LEU A 104 7.94 -2.77 4.19
CA LEU A 104 8.51 -1.49 4.59
C LEU A 104 8.35 -1.27 6.09
N ARG A 105 7.23 -1.71 6.67
CA ARG A 105 7.02 -1.50 8.10
C ARG A 105 7.93 -2.39 8.94
N ASP A 106 8.30 -3.56 8.43
CA ASP A 106 9.33 -4.36 9.10
C ASP A 106 10.69 -3.72 8.95
N TYR A 107 10.99 -3.20 7.75
CA TYR A 107 12.29 -2.58 7.51
C TYR A 107 12.44 -1.28 8.30
N LEU A 108 11.43 -0.42 8.24
CA LEU A 108 11.54 0.90 8.88
C LEU A 108 11.71 0.70 10.38
N GLN A 109 10.92 -0.19 10.98
CA GLN A 109 11.00 -0.40 12.42
C GLN A 109 12.39 -0.88 12.84
N LYS A 110 13.04 -1.68 12.00
CA LYS A 110 14.36 -2.21 12.33
C LYS A 110 15.49 -1.24 11.97
N HIS A 111 15.20 -0.14 11.27
CA HIS A 111 16.23 0.81 10.90
C HIS A 111 15.78 2.25 11.12
N LYS A 112 14.99 2.50 12.17
CA LYS A 112 14.46 3.84 12.43
C LYS A 112 15.59 4.85 12.58
N GLU A 113 16.51 4.61 13.51
CA GLU A 113 17.62 5.53 13.77
C GLU A 113 18.53 5.76 12.55
N ARG A 114 18.39 4.91 11.54
CA ARG A 114 19.19 5.05 10.34
C ARG A 114 18.32 5.45 9.15
N ILE A 115 17.26 6.21 9.40
CA ILE A 115 16.41 6.65 8.31
C ILE A 115 15.91 8.05 8.63
N ASP A 116 16.39 9.02 7.86
CA ASP A 116 16.07 10.42 8.08
C ASP A 116 14.84 10.79 7.25
N HIS A 117 14.45 12.06 7.33
CA HIS A 117 13.29 12.51 6.57
C HIS A 117 13.56 12.48 5.07
N ILE A 118 14.80 12.76 4.66
CA ILE A 118 15.13 12.74 3.24
C ILE A 118 14.99 11.34 2.67
N LYS A 119 15.53 10.35 3.38
CA LYS A 119 15.31 8.96 2.99
C LYS A 119 13.83 8.61 3.06
N LEU A 120 13.14 9.19 4.04
CA LEU A 120 11.71 8.97 4.19
C LEU A 120 10.96 9.50 2.96
N LEU A 121 11.37 10.67 2.48
CA LEU A 121 10.75 11.27 1.31
C LEU A 121 11.16 10.57 0.01
N GLN A 122 12.30 9.89 -0.01
CA GLN A 122 12.66 9.09 -1.18
C GLN A 122 11.62 7.99 -1.32
N TYR A 123 11.37 7.24 -0.24
CA TYR A 123 10.37 6.17 -0.31
C TYR A 123 9.00 6.73 -0.67
N THR A 124 8.64 7.88 -0.10
CA THR A 124 7.37 8.51 -0.43
C THR A 124 7.28 8.84 -1.92
N SER A 125 8.37 9.38 -2.48
CA SER A 125 8.34 9.84 -3.86
C SER A 125 8.11 8.70 -4.84
N GLN A 126 8.73 7.54 -4.61
CA GLN A 126 8.58 6.44 -5.55
C GLN A 126 7.34 5.61 -5.29
N ILE A 127 6.75 5.69 -4.09
CA ILE A 127 5.39 5.20 -3.92
C ILE A 127 4.42 6.06 -4.73
N CYS A 128 4.69 7.35 -4.80
N CYS A 128 4.67 7.36 -4.77
CA CYS A 128 3.79 8.26 -5.51
CA CYS A 128 3.81 8.28 -5.52
C CYS A 128 3.84 8.03 -7.01
C CYS A 128 3.83 7.94 -7.01
N LYS A 129 5.03 7.81 -7.57
CA LYS A 129 5.15 7.57 -9.01
C LYS A 129 4.60 6.21 -9.40
N GLY A 130 4.74 5.21 -8.54
CA GLY A 130 4.10 3.93 -8.80
C GLY A 130 2.60 4.04 -8.85
N MET A 131 2.02 4.90 -8.01
CA MET A 131 0.58 5.13 -8.04
C MET A 131 0.18 5.97 -9.25
N GLU A 132 1.07 6.85 -9.68
CA GLU A 132 0.83 7.67 -10.85
C GLU A 132 0.72 6.74 -12.04
N TYR A 133 1.71 5.86 -12.19
CA TYR A 133 1.72 4.88 -13.28
C TYR A 133 0.44 4.05 -13.19
N LEU A 134 0.07 3.69 -11.97
CA LEU A 134 -1.11 2.86 -11.75
C LEU A 134 -2.37 3.52 -12.33
N GLY A 135 -2.46 4.83 -12.19
CA GLY A 135 -3.61 5.58 -12.69
C GLY A 135 -3.71 5.57 -14.19
N THR A 136 -2.56 5.57 -14.86
CA THR A 136 -2.52 5.58 -16.32
C THR A 136 -3.33 4.43 -16.91
N LYS A 137 -3.25 3.28 -16.27
CA LYS A 137 -3.95 2.09 -16.74
C LYS A 137 -5.41 2.04 -16.29
N ARG A 138 -5.82 3.08 -15.54
CA ARG A 138 -7.13 3.12 -14.88
C ARG A 138 -7.30 2.00 -13.86
N TYR A 139 -6.37 1.93 -12.91
CA TYR A 139 -6.43 0.91 -11.87
C TYR A 139 -6.55 1.58 -10.50
N ILE A 140 -7.41 1.03 -9.66
CA ILE A 140 -7.63 1.53 -8.30
C ILE A 140 -7.12 0.48 -7.33
N HIS A 141 -6.10 0.82 -6.55
CA HIS A 141 -5.41 -0.17 -5.73
C HIS A 141 -6.27 -0.65 -4.57
N ARG A 142 -6.85 0.29 -3.82
CA ARG A 142 -7.81 -0.04 -2.78
C ARG A 142 -7.19 -0.65 -1.51
N ASP A 143 -5.87 -0.78 -1.46
CA ASP A 143 -5.21 -1.33 -0.29
C ASP A 143 -3.87 -0.66 -0.05
N LEU A 144 -3.80 0.65 -0.29
CA LEU A 144 -2.54 1.40 -0.15
C LEU A 144 -2.19 1.54 1.33
N ALA A 145 -1.20 0.78 1.79
CA ALA A 145 -0.72 0.87 3.16
C ALA A 145 0.71 0.35 3.19
N THR A 146 1.42 0.67 4.28
CA THR A 146 2.82 0.28 4.38
C THR A 146 2.99 -1.24 4.42
N ARG A 147 1.97 -1.96 4.88
N ARG A 147 1.97 -1.96 4.88
CA ARG A 147 2.05 -3.42 4.89
CA ARG A 147 2.05 -3.42 4.89
C ARG A 147 2.18 -3.98 3.49
C ARG A 147 2.14 -4.00 3.49
N ASN A 148 1.66 -3.27 2.48
CA ASN A 148 1.73 -3.71 1.09
C ASN A 148 2.86 -3.02 0.33
N ILE A 149 3.87 -2.52 1.04
CA ILE A 149 5.04 -1.91 0.43
C ILE A 149 6.25 -2.75 0.78
N LEU A 150 6.96 -3.23 -0.23
CA LEU A 150 8.13 -4.07 -0.05
C LEU A 150 9.40 -3.28 -0.31
N VAL A 151 10.49 -3.76 0.26
CA VAL A 151 11.80 -3.11 0.18
C VAL A 151 12.75 -4.02 -0.58
N GLU A 152 13.23 -3.57 -1.74
CA GLU A 152 14.18 -4.36 -2.51
C GLU A 152 15.59 -4.23 -1.95
N ASN A 153 16.13 -3.01 -1.95
CA ASN A 153 17.38 -2.69 -1.28
C ASN A 153 17.13 -1.46 -0.42
N GLU A 154 18.19 -0.87 0.13
CA GLU A 154 18.02 0.27 1.03
C GLU A 154 17.65 1.55 0.29
N ASN A 155 17.63 1.52 -1.05
CA ASN A 155 17.29 2.70 -1.83
C ASN A 155 16.02 2.57 -2.68
N ARG A 156 15.36 1.41 -2.69
CA ARG A 156 14.17 1.27 -3.53
C ARG A 156 13.12 0.41 -2.86
N VAL A 157 11.91 0.95 -2.73
CA VAL A 157 10.75 0.21 -2.27
C VAL A 157 9.79 0.02 -3.44
N LYS A 158 8.86 -0.93 -3.26
CA LYS A 158 7.91 -1.28 -4.32
C LYS A 158 6.56 -1.60 -3.71
N ILE A 159 5.51 -1.40 -4.51
CA ILE A 159 4.16 -1.83 -4.13
C ILE A 159 4.04 -3.31 -4.39
N GLY A 160 3.74 -4.08 -3.35
CA GLY A 160 3.89 -5.52 -3.42
C GLY A 160 2.64 -6.36 -3.55
N ASP A 161 1.47 -5.77 -3.39
CA ASP A 161 0.22 -6.52 -3.45
C ASP A 161 -0.84 -5.75 -4.21
N PHE A 162 -1.65 -6.48 -4.97
CA PHE A 162 -2.71 -5.90 -5.77
C PHE A 162 -3.99 -6.74 -5.69
N GLY A 163 -4.19 -7.45 -4.58
CA GLY A 163 -5.33 -8.33 -4.43
C GLY A 163 -6.66 -7.61 -4.34
N LEU A 164 -6.65 -6.32 -4.02
CA LEU A 164 -7.87 -5.51 -3.98
C LEU A 164 -7.99 -4.57 -5.17
N THR A 165 -7.04 -4.60 -6.09
CA THR A 165 -7.05 -3.68 -7.22
C THR A 165 -8.20 -3.98 -8.17
N LYS A 166 -8.89 -2.93 -8.60
CA LYS A 166 -10.05 -3.06 -9.47
C LYS A 166 -9.88 -2.14 -10.68
N VAL A 167 -9.92 -2.74 -11.87
CA VAL A 167 -9.85 -1.96 -13.11
C VAL A 167 -11.06 -1.05 -13.19
N LEU A 168 -10.81 0.25 -13.38
CA LEU A 168 -11.92 1.18 -13.53
C LEU A 168 -12.73 0.82 -14.77
N PRO A 169 -14.05 0.78 -14.69
CA PRO A 169 -14.85 0.31 -15.83
C PRO A 169 -14.80 1.26 -17.02
N GLN A 170 -15.12 0.72 -18.19
CA GLN A 170 -15.11 1.52 -19.41
C GLN A 170 -16.19 2.59 -19.43
N ASP A 171 -17.14 2.52 -18.50
CA ASP A 171 -18.22 3.50 -18.43
C ASP A 171 -18.54 3.86 -16.98
N GLU A 173 -15.98 6.20 -13.52
CA GLU A 173 -14.78 6.80 -12.97
C GLU A 173 -14.52 6.33 -11.54
N PTR A 174 -15.42 5.48 -11.04
CA PTR A 174 -15.29 4.95 -9.69
C PTR A 174 -15.68 3.48 -9.74
O PTR A 174 -16.36 3.06 -10.66
CB PTR A 174 -16.17 5.72 -8.71
CG PTR A 174 -17.59 5.87 -9.20
CD1 PTR A 174 -18.01 7.04 -9.82
CD2 PTR A 174 -18.51 4.83 -9.08
CE1 PTR A 174 -19.30 7.17 -10.29
CE2 PTR A 174 -19.80 4.95 -9.55
CZ PTR A 174 -20.19 6.13 -10.15
OH PTR A 174 -21.41 6.25 -10.59
P PTR A 174 -22.63 6.12 -9.56
O1P PTR A 174 -23.16 4.67 -9.56
O2P PTR A 174 -23.69 7.05 -9.99
O3P PTR A 174 -22.15 6.50 -8.14
N PTR A 175 -15.28 2.71 -8.73
CA PTR A 175 -15.72 1.32 -8.66
C PTR A 175 -16.32 1.03 -7.29
O PTR A 175 -15.61 0.91 -6.29
CB PTR A 175 -14.58 0.35 -8.94
CG PTR A 175 -15.04 -1.00 -9.46
CD1 PTR A 175 -14.57 -1.49 -10.68
CD2 PTR A 175 -15.95 -1.76 -8.77
CE1 PTR A 175 -14.99 -2.71 -11.17
CE2 PTR A 175 -16.39 -2.98 -9.24
CZ PTR A 175 -15.90 -3.46 -10.44
OH PTR A 175 -16.31 -4.60 -10.89
P PTR A 175 -16.51 -5.84 -9.87
O1P PTR A 175 -17.90 -5.77 -9.24
O2P PTR A 175 -15.44 -5.81 -8.77
O3P PTR A 175 -16.38 -7.10 -10.65
N LYS A 176 -17.65 0.92 -7.26
CA LYS A 176 -18.36 0.58 -6.03
C LYS A 176 -18.19 -0.89 -5.70
N VAL A 177 -17.65 -1.18 -4.52
CA VAL A 177 -17.39 -2.55 -4.11
C VAL A 177 -18.37 -2.96 -3.01
N SER A 183 -12.19 -5.02 6.41
CA SER A 183 -11.64 -3.98 5.54
C SER A 183 -10.88 -2.94 6.35
N PRO A 184 -9.80 -2.41 5.77
CA PRO A 184 -8.94 -1.42 6.48
C PRO A 184 -9.60 -0.05 6.54
N ILE A 185 -10.57 0.08 7.46
CA ILE A 185 -11.38 1.29 7.51
C ILE A 185 -10.55 2.50 7.94
N PHE A 186 -9.47 2.29 8.68
CA PHE A 186 -8.64 3.39 9.12
C PHE A 186 -7.71 3.91 8.03
N TRP A 187 -7.77 3.32 6.83
CA TRP A 187 -7.10 3.85 5.65
C TRP A 187 -8.09 4.33 4.60
N TYR A 188 -9.38 4.13 4.83
CA TYR A 188 -10.39 4.37 3.80
C TYR A 188 -10.81 5.83 3.75
N ALA A 189 -11.21 6.27 2.57
CA ALA A 189 -11.79 7.59 2.38
C ALA A 189 -13.24 7.60 2.88
N PRO A 190 -13.77 8.78 3.22
CA PRO A 190 -15.15 8.82 3.73
C PRO A 190 -16.19 8.32 2.75
N GLU A 191 -16.00 8.57 1.45
CA GLU A 191 -16.97 8.08 0.46
C GLU A 191 -16.91 6.56 0.33
N SER A 192 -15.76 5.95 0.60
CA SER A 192 -15.68 4.50 0.59
C SER A 192 -16.32 3.91 1.84
N LEU A 193 -16.25 4.61 2.97
CA LEU A 193 -16.90 4.11 4.17
C LEU A 193 -18.42 4.19 4.05
N THR A 194 -18.93 5.21 3.39
CA THR A 194 -20.38 5.41 3.26
C THR A 194 -20.93 4.78 1.99
N GLU A 195 -20.46 5.24 0.83
CA GLU A 195 -20.99 4.78 -0.45
C GLU A 195 -20.21 3.61 -1.04
N SER A 196 -19.19 3.12 -0.34
CA SER A 196 -18.36 2.02 -0.83
C SER A 196 -17.74 2.33 -2.19
N LYS A 197 -17.46 3.60 -2.45
CA LYS A 197 -16.92 4.05 -3.72
C LYS A 197 -15.41 4.20 -3.63
N PHE A 198 -14.71 3.67 -4.62
CA PHE A 198 -13.25 3.72 -4.68
C PHE A 198 -12.82 4.34 -6.00
N SER A 199 -11.82 5.21 -5.93
CA SER A 199 -11.34 5.93 -7.10
C SER A 199 -9.88 6.31 -6.88
N VAL A 200 -9.32 7.08 -7.81
CA VAL A 200 -7.98 7.61 -7.63
C VAL A 200 -7.94 8.54 -6.42
N ALA A 201 -9.00 9.34 -6.25
CA ALA A 201 -9.06 10.24 -5.10
C ALA A 201 -9.12 9.47 -3.78
N SER A 202 -9.70 8.27 -3.79
CA SER A 202 -9.69 7.45 -2.59
C SER A 202 -8.31 6.87 -2.34
N ASP A 203 -7.55 6.57 -3.40
CA ASP A 203 -6.16 6.18 -3.23
C ASP A 203 -5.31 7.34 -2.71
N VAL A 204 -5.64 8.56 -3.11
CA VAL A 204 -4.93 9.73 -2.61
C VAL A 204 -5.14 9.88 -1.11
N TRP A 205 -6.38 9.67 -0.66
CA TRP A 205 -6.67 9.69 0.78
C TRP A 205 -5.80 8.69 1.52
N SER A 206 -5.79 7.43 1.05
CA SER A 206 -5.02 6.40 1.73
C SER A 206 -3.53 6.69 1.67
N PHE A 207 -3.06 7.29 0.57
CA PHE A 207 -1.66 7.68 0.50
C PHE A 207 -1.27 8.62 1.64
N GLY A 208 -2.12 9.60 1.94
CA GLY A 208 -1.86 10.46 3.08
C GLY A 208 -1.73 9.70 4.37
N VAL A 209 -2.52 8.64 4.53
CA VAL A 209 -2.37 7.78 5.70
C VAL A 209 -1.01 7.10 5.64
N VAL A 210 -0.65 6.54 4.48
CA VAL A 210 0.68 5.97 4.30
C VAL A 210 1.77 6.97 4.66
N LEU A 211 1.59 8.23 4.28
CA LEU A 211 2.54 9.27 4.66
C LEU A 211 2.57 9.47 6.17
N TYR A 212 1.42 9.29 6.83
CA TYR A 212 1.35 9.42 8.27
C TYR A 212 2.20 8.35 8.96
N GLU A 213 1.94 7.09 8.61
CA GLU A 213 2.75 5.97 9.06
C GLU A 213 4.23 6.29 8.88
N LEU A 214 4.59 6.71 7.67
CA LEU A 214 5.99 6.86 7.29
C LEU A 214 6.73 7.74 8.31
N PHE A 215 6.01 8.72 8.86
CA PHE A 215 6.63 9.69 9.75
C PHE A 215 6.45 9.37 11.24
N THR A 216 5.56 8.44 11.53
CA THR A 216 5.54 7.87 12.88
C THR A 216 6.53 6.71 13.03
N TYR A 217 7.16 6.35 11.93
CA TYR A 217 8.15 5.26 11.92
C TYR A 217 7.52 3.93 12.34
N ILE A 218 6.27 3.73 11.96
CA ILE A 218 5.56 2.48 12.26
C ILE A 218 5.47 2.22 13.77
N GLU A 219 5.42 3.27 14.57
CA GLU A 219 5.16 3.13 15.99
C GLU A 219 3.72 2.64 16.18
N LYS A 220 3.56 1.47 16.80
CA LYS A 220 2.22 0.91 16.98
C LYS A 220 1.37 1.77 17.91
N SER A 221 1.99 2.41 18.90
CA SER A 221 1.23 3.28 19.80
C SER A 221 0.60 4.45 19.06
N LYS A 222 1.24 4.91 17.99
CA LYS A 222 0.73 6.01 17.18
C LYS A 222 0.17 5.55 15.85
N SER A 223 -0.09 4.24 15.70
CA SER A 223 -0.65 3.73 14.47
C SER A 223 -2.03 4.35 14.22
N PRO A 224 -2.47 4.43 12.97
CA PRO A 224 -3.77 5.04 12.66
C PRO A 224 -4.92 4.36 13.41
N PRO A 225 -4.98 3.02 13.48
CA PRO A 225 -6.06 2.41 14.27
C PRO A 225 -5.96 2.74 15.76
N ALA A 226 -4.75 2.74 16.33
CA ALA A 226 -4.62 3.11 17.73
C ALA A 226 -4.98 4.58 17.97
N GLU A 227 -4.70 5.44 16.99
CA GLU A 227 -4.98 6.86 17.15
C GLU A 227 -6.46 7.16 16.95
N PHE A 228 -7.08 6.57 15.92
CA PHE A 228 -8.51 6.75 15.72
C PHE A 228 -9.32 6.18 16.87
N MET A 229 -8.89 5.07 17.47
CA MET A 229 -9.67 4.52 18.57
C MET A 229 -9.64 5.39 19.81
N ARG A 230 -8.54 6.09 20.03
CA ARG A 230 -8.49 6.98 21.19
C ARG A 230 -9.33 8.23 20.97
N MET A 231 -9.36 8.74 19.73
CA MET A 231 -10.21 9.88 19.40
C MET A 231 -11.68 9.50 19.42
N ILE A 232 -12.01 8.28 19.02
CA ILE A 232 -13.39 7.83 19.02
C ILE A 232 -13.83 7.44 20.43
N GLY A 233 -12.94 6.79 21.16
CA GLY A 233 -13.27 6.13 22.41
C GLY A 233 -13.39 4.63 22.17
N ASN A 234 -12.67 3.84 22.95
CA ASN A 234 -12.56 2.41 22.71
C ASN A 234 -13.62 1.61 23.48
N ASP A 235 -14.62 2.29 24.02
CA ASP A 235 -15.82 1.60 24.47
C ASP A 235 -16.78 1.34 23.30
N LYS A 236 -16.23 1.03 22.13
CA LYS A 236 -17.00 0.79 20.91
C LYS A 236 -16.37 -0.37 20.15
N GLN A 237 -17.21 -1.16 19.48
CA GLN A 237 -16.74 -2.36 18.80
C GLN A 237 -17.58 -2.60 17.55
N GLY A 238 -17.29 -3.70 16.86
CA GLY A 238 -18.08 -4.12 15.72
C GLY A 238 -18.14 -3.06 14.64
N GLN A 239 -19.34 -2.89 14.09
CA GLN A 239 -19.60 -1.88 13.06
C GLN A 239 -19.99 -0.54 13.65
N MET A 240 -20.08 -0.42 14.98
CA MET A 240 -20.31 0.88 15.60
C MET A 240 -19.04 1.73 15.61
N ILE A 241 -17.86 1.11 15.46
CA ILE A 241 -16.65 1.88 15.23
C ILE A 241 -16.72 2.58 13.88
N VAL A 242 -17.22 1.88 12.85
CA VAL A 242 -17.37 2.49 11.53
C VAL A 242 -18.33 3.67 11.59
N PHE A 243 -19.39 3.54 12.38
CA PHE A 243 -20.35 4.64 12.55
C PHE A 243 -19.65 5.88 13.10
N HIS A 244 -18.81 5.71 14.12
CA HIS A 244 -18.17 6.85 14.77
C HIS A 244 -16.95 7.34 13.99
N LEU A 245 -16.32 6.48 13.20
CA LEU A 245 -15.25 6.95 12.32
C LEU A 245 -15.82 7.86 11.24
N ILE A 246 -17.01 7.55 10.73
CA ILE A 246 -17.66 8.39 9.74
C ILE A 246 -17.99 9.76 10.33
N GLU A 247 -18.61 9.77 11.52
CA GLU A 247 -18.99 11.03 12.15
C GLU A 247 -17.77 11.87 12.51
N LEU A 248 -16.66 11.22 12.88
CA LEU A 248 -15.45 11.97 13.21
C LEU A 248 -14.81 12.55 11.95
N LEU A 249 -14.73 11.76 10.88
CA LEU A 249 -14.15 12.24 9.64
C LEU A 249 -14.98 13.38 9.04
N LYS A 250 -16.31 13.31 9.19
CA LYS A 250 -17.18 14.35 8.66
C LYS A 250 -17.09 15.64 9.47
N ASN A 251 -16.58 15.58 10.71
CA ASN A 251 -16.43 16.75 11.55
C ASN A 251 -14.99 17.24 11.61
N ASN A 252 -14.24 17.11 10.50
CA ASN A 252 -12.89 17.63 10.37
C ASN A 252 -11.94 17.05 11.43
N GLY A 253 -12.21 15.82 11.88
CA GLY A 253 -11.31 15.13 12.78
C GLY A 253 -10.30 14.34 11.99
N ARG A 254 -9.02 14.56 12.30
CA ARG A 254 -7.93 13.98 11.51
C ARG A 254 -6.84 13.46 12.43
N LEU A 255 -5.98 12.62 11.86
CA LEU A 255 -4.82 12.13 12.58
C LEU A 255 -3.89 13.30 12.90
N PRO A 256 -3.32 13.35 14.09
CA PRO A 256 -2.49 14.50 14.47
C PRO A 256 -1.15 14.49 13.74
N ARG A 257 -0.49 15.63 13.78
CA ARG A 257 0.83 15.75 13.17
C ARG A 257 1.84 14.96 14.00
N PRO A 258 2.54 13.99 13.42
CA PRO A 258 3.55 13.26 14.19
C PRO A 258 4.73 14.13 14.59
N ASP A 259 5.29 13.85 15.76
CA ASP A 259 6.37 14.67 16.28
C ASP A 259 7.63 14.50 15.45
N GLY A 260 8.30 15.61 15.14
CA GLY A 260 9.39 15.61 14.19
C GLY A 260 8.98 15.85 12.75
N CYS A 261 7.70 15.67 12.44
CA CYS A 261 7.23 15.79 11.06
C CYS A 261 7.11 17.25 10.67
N PRO A 262 7.81 17.71 9.62
CA PRO A 262 7.74 19.12 9.24
C PRO A 262 6.32 19.57 8.91
N ASP A 263 6.10 20.88 9.01
CA ASP A 263 4.77 21.43 8.77
C ASP A 263 4.36 21.28 7.31
N GLU A 264 5.31 21.50 6.38
CA GLU A 264 4.99 21.43 4.97
C GLU A 264 4.51 20.04 4.56
N ILE A 265 5.13 18.99 5.12
CA ILE A 265 4.70 17.65 4.73
C ILE A 265 3.42 17.24 5.45
N TYR A 266 3.17 17.75 6.66
CA TYR A 266 1.90 17.47 7.31
C TYR A 266 0.73 18.04 6.52
N MET A 267 0.95 19.18 5.85
CA MET A 267 -0.09 19.76 5.00
C MET A 267 -0.41 18.86 3.82
N ILE A 268 0.56 18.10 3.33
CA ILE A 268 0.28 17.12 2.27
C ILE A 268 -0.67 16.05 2.78
N MET A 269 -0.49 15.63 4.04
CA MET A 269 -1.42 14.68 4.64
C MET A 269 -2.82 15.26 4.69
N THR A 270 -2.96 16.50 5.18
CA THR A 270 -4.27 17.11 5.30
C THR A 270 -4.90 17.36 3.94
N GLU A 271 -4.10 17.73 2.94
CA GLU A 271 -4.64 17.94 1.60
C GLU A 271 -5.19 16.65 1.02
N CYS A 272 -4.53 15.51 1.29
CA CYS A 272 -5.07 14.23 0.88
C CYS A 272 -6.32 13.87 1.66
N TRP A 273 -6.43 14.34 2.89
CA TRP A 273 -7.57 14.03 3.78
C TRP A 273 -8.69 15.04 3.67
N ASN A 274 -8.95 15.57 2.48
CA ASN A 274 -10.04 16.51 2.30
C ASN A 274 -11.34 15.74 2.11
N ASN A 275 -12.41 16.21 2.77
CA ASN A 275 -13.71 15.58 2.59
C ASN A 275 -14.25 15.75 1.19
N ASN A 276 -13.96 16.89 0.56
CA ASN A 276 -14.38 17.12 -0.82
C ASN A 276 -13.42 16.40 -1.75
N VAL A 277 -13.94 15.36 -2.43
CA VAL A 277 -13.13 14.51 -3.30
C VAL A 277 -12.48 15.31 -4.40
N ASN A 278 -13.14 16.37 -4.87
CA ASN A 278 -12.64 17.14 -6.00
C ASN A 278 -11.38 17.92 -5.67
N GLN A 279 -11.12 18.22 -4.41
CA GLN A 279 -9.99 19.06 -4.04
C GLN A 279 -8.79 18.27 -3.51
N ARG A 280 -8.86 16.94 -3.54
CA ARG A 280 -7.68 16.16 -3.18
C ARG A 280 -6.64 16.28 -4.29
N PRO A 281 -5.35 16.34 -3.94
CA PRO A 281 -4.32 16.53 -4.97
C PRO A 281 -4.16 15.30 -5.84
N SER A 282 -3.58 15.52 -7.02
CA SER A 282 -3.26 14.43 -7.92
C SER A 282 -1.96 13.76 -7.51
N PHE A 283 -1.77 12.53 -8.00
CA PHE A 283 -0.53 11.81 -7.69
C PHE A 283 0.65 12.42 -8.42
N ARG A 284 0.43 12.98 -9.62
CA ARG A 284 1.52 13.66 -10.32
C ARG A 284 1.97 14.91 -9.56
N ASP A 285 1.02 15.63 -8.96
CA ASP A 285 1.37 16.82 -8.19
C ASP A 285 2.03 16.47 -6.87
N LEU A 286 1.63 15.35 -6.25
CA LEU A 286 2.26 14.93 -5.00
C LEU A 286 3.72 14.55 -5.22
N ALA A 287 4.01 13.84 -6.32
CA ALA A 287 5.37 13.43 -6.60
C ALA A 287 6.29 14.63 -6.80
N LEU A 288 5.79 15.68 -7.46
CA LEU A 288 6.60 16.88 -7.66
C LEU A 288 6.77 17.66 -6.36
N ARG A 289 5.72 17.73 -5.53
CA ARG A 289 5.84 18.37 -4.23
C ARG A 289 6.83 17.63 -3.35
N VAL A 290 6.72 16.30 -3.30
CA VAL A 290 7.61 15.50 -2.46
C VAL A 290 9.06 15.67 -2.90
N ASP A 291 9.30 15.61 -4.21
CA ASP A 291 10.67 15.79 -4.72
C ASP A 291 11.19 17.19 -4.42
N GLN A 292 10.35 18.20 -4.61
CA GLN A 292 10.78 19.58 -4.32
C GLN A 292 11.10 19.75 -2.85
N ILE A 293 10.27 19.21 -1.97
CA ILE A 293 10.52 19.31 -0.53
C ILE A 293 11.80 18.54 -0.17
N ARG A 294 11.97 17.35 -0.73
CA ARG A 294 13.15 16.53 -0.42
C ARG A 294 14.43 17.24 -0.85
N ASP A 295 14.42 17.84 -2.04
CA ASP A 295 15.60 18.57 -2.49
C ASP A 295 15.78 19.88 -1.73
N ASN A 296 14.68 20.54 -1.35
CA ASN A 296 14.80 21.80 -0.64
C ASN A 296 15.39 21.61 0.75
N MET A 297 15.00 20.54 1.46
CA MET A 297 15.59 20.28 2.76
C MET A 297 16.93 19.56 2.67
N ALA A 298 17.35 19.17 1.46
CA ALA A 298 18.66 18.57 1.25
C ALA A 298 19.73 19.61 0.95
N GLY A 299 19.37 20.65 0.21
CA GLY A 299 20.26 21.75 -0.10
C GLY A 299 20.12 22.95 0.81
N GLY A 300 19.36 22.85 1.89
CA GLY A 300 19.17 23.97 2.80
C GLY A 300 18.10 24.93 2.33
C10 U8P B . 4.29 -9.71 0.55
C11 U8P B . 5.46 -10.33 0.94
C12 U8P B . 6.76 -10.43 0.13
C01 U8P B . -3.19 -10.50 1.60
C02 U8P B . -2.23 -11.24 2.53
C06 U8P B . 1.23 -9.92 2.58
C07 U8P B . 2.08 -9.34 1.50
C08 U8P B . 1.24 -9.98 0.49
C14 U8P B . 9.06 -10.62 0.04
C16 U8P B . 10.51 -10.93 2.22
C17 U8P B . 11.81 -11.02 2.70
C18 U8P B . 12.04 -11.22 4.06
C19 U8P B . 10.98 -11.32 4.94
C20 U8P B . 11.26 -11.54 6.44
C22 U8P B . 9.65 -11.04 8.09
C23 U8P B . 9.17 -9.88 7.21
C24 U8P B . 10.68 -10.51 9.09
C25 U8P B . 8.46 -11.63 8.84
C27 U8P B . 9.68 -11.23 4.46
C28 U8P B . 9.45 -11.03 3.09
C30 U8P B . 7.90 -10.51 -1.97
C31 U8P B . 6.71 -10.42 -1.29
C32 U8P B . 5.71 -10.33 -2.28
C33 U8P B . 6.32 -10.38 -3.52
C35 U8P B . 5.25 -10.84 2.22
C37 U8P B . 1.99 -7.81 1.47
C38 U8P B . 2.64 -7.23 0.20
N05 U8P B . 0.43 -10.62 1.56
N09 U8P B . 3.42 -9.84 1.53
N13 U8P B . 7.93 -10.53 0.74
N15 U8P B . 10.35 -10.73 0.76
N29 U8P B . 9.06 -10.61 -1.27
N34 U8P B . 7.62 -10.48 -3.31
N36 U8P B . 3.99 -10.54 2.57
N39 U8P B . 3.11 -6.80 -0.73
O04 U8P B . -0.28 -13.09 2.14
O21 U8P B . 10.24 -12.02 7.28
O26 U8P B . 12.32 -11.29 6.88
O40 U8P B . -1.17 -12.23 0.25
S03 U8P B . -0.79 -11.82 1.60
C1 GOL C . 5.28 1.46 19.95
O1 GOL C . 4.27 1.29 20.88
C2 GOL C . 5.66 0.06 19.44
O2 GOL C . 6.44 0.13 18.28
C3 GOL C . 6.43 -0.58 20.62
O3 GOL C . 7.51 -1.26 20.06
#